data_8KFJ
#
_entry.id   8KFJ
#
_cell.length_a   56.673
_cell.length_b   80.174
_cell.length_c   106.595
_cell.angle_alpha   90.00
_cell.angle_beta   90.00
_cell.angle_gamma   90.00
#
_symmetry.space_group_name_H-M   'P 21 21 21'
#
loop_
_entity.id
_entity.type
_entity.pdbx_description
1 polymer Myoglobin
2 non-polymer 'PORPHYCENE CONTAINING MN'
3 non-polymer 'SULFATE ION'
4 non-polymer 'CHLORIDE ION'
5 water water
#
_entity_poly.entity_id   1
_entity_poly.type   'polypeptide(L)'
_entity_poly.pdbx_seq_one_letter_code
;MWSHPQFEKENLYFQGKVLSEGEWQLVLHVWAKVEADVAGHGQDILIRLFKSHPETLEKFDRLKHLKTEAEMKASEDLKK
AGVTVLTALGAILKKKGHHEAELKPLAQSHATKHKIPIKYLEFISEAIIHVLHSRHPGNFGADAQGAMNKALELFRKDIA
AKYKELGYQG
;
_entity_poly.pdbx_strand_id   A,B
#
loop_
_chem_comp.id
_chem_comp.type
_chem_comp.name
_chem_comp.formula
CL non-polymer 'CHLORIDE ION' 'Cl -1'
HNN non-polymer 'PORPHYCENE CONTAINING MN' 'C34 H36 Mn N4 O4 2'
SO4 non-polymer 'SULFATE ION' 'O4 S -2'
#
# COMPACT_ATOMS: atom_id res chain seq x y z
N ASN A 11 -13.32 -15.55 7.15
CA ASN A 11 -12.22 -14.50 7.15
C ASN A 11 -10.88 -15.17 7.48
N LEU A 12 -10.00 -15.36 6.49
CA LEU A 12 -8.81 -16.23 6.61
C LEU A 12 -7.80 -15.60 7.57
N TYR A 13 -7.42 -16.33 8.60
CA TYR A 13 -6.42 -15.92 9.60
C TYR A 13 -5.08 -15.72 8.92
N PHE A 14 -4.41 -14.66 9.28
CA PHE A 14 -3.07 -14.30 8.73
C PHE A 14 -2.18 -13.93 9.89
N GLN A 15 -1.35 -14.87 10.37
CA GLN A 15 -0.57 -14.61 11.60
C GLN A 15 0.45 -13.51 11.36
N GLY A 16 0.47 -12.52 12.23
CA GLY A 16 1.40 -11.38 12.17
C GLY A 16 2.65 -11.63 12.98
N LYS A 17 3.56 -10.68 13.00
CA LYS A 17 4.75 -10.77 13.88
C LYS A 17 4.73 -9.68 14.91
N VAL A 18 5.45 -9.95 16.00
CA VAL A 18 5.79 -9.01 17.08
C VAL A 18 4.52 -8.56 17.82
N LEU A 19 3.60 -7.87 17.18
CA LEU A 19 2.35 -7.47 17.90
C LEU A 19 1.53 -8.74 18.04
N SER A 20 0.64 -8.78 19.03
CA SER A 20 -0.41 -9.81 19.13
C SER A 20 -1.42 -9.60 18.00
N GLU A 21 -2.22 -10.64 17.73
CA GLU A 21 -3.36 -10.58 16.80
C GLU A 21 -4.30 -9.44 17.21
N GLY A 22 -4.57 -9.24 18.50
CA GLY A 22 -5.51 -8.21 18.97
C GLY A 22 -4.91 -6.84 18.75
N GLU A 23 -3.59 -6.69 18.94
CA GLU A 23 -2.92 -5.41 18.66
C GLU A 23 -2.99 -5.09 17.15
N TRP A 24 -2.65 -6.04 16.27
CA TRP A 24 -2.78 -5.86 14.80
C TRP A 24 -4.22 -5.47 14.44
N GLN A 25 -5.22 -6.07 15.06
CA GLN A 25 -6.62 -5.72 14.72
C GLN A 25 -6.92 -4.28 15.13
N LEU A 26 -6.40 -3.80 16.26
CA LEU A 26 -6.62 -2.39 16.66
C LEU A 26 -5.96 -1.45 15.65
N VAL A 27 -4.76 -1.81 15.20
CA VAL A 27 -4.03 -1.00 14.17
C VAL A 27 -4.86 -0.98 12.88
N LEU A 28 -5.29 -2.14 12.38
CA LEU A 28 -5.91 -2.15 11.03
C LEU A 28 -7.31 -1.53 11.10
N HIS A 29 -8.00 -1.64 12.23
CA HIS A 29 -9.35 -1.02 12.38
C HIS A 29 -9.22 0.51 12.32
N VAL A 30 -8.27 1.09 13.03
CA VAL A 30 -8.00 2.55 12.94
C VAL A 30 -7.57 2.91 11.51
N TRP A 31 -6.69 2.13 10.89
CA TRP A 31 -6.18 2.51 9.56
C TRP A 31 -7.32 2.53 8.55
N ALA A 32 -8.30 1.65 8.69
CA ALA A 32 -9.46 1.64 7.76
C ALA A 32 -10.17 3.00 7.80
N LYS A 33 -10.32 3.58 8.98
CA LYS A 33 -10.84 4.96 9.16
C LYS A 33 -9.90 5.98 8.49
N VAL A 34 -8.59 5.85 8.63
CA VAL A 34 -7.65 6.76 7.94
C VAL A 34 -7.95 6.72 6.43
N GLU A 35 -7.99 5.53 5.86
CA GLU A 35 -8.05 5.24 4.40
CA GLU A 35 -7.96 5.42 4.38
C GLU A 35 -9.33 5.81 3.78
N ALA A 36 -10.40 5.78 4.56
CA ALA A 36 -11.72 6.29 4.15
C ALA A 36 -11.65 7.81 3.94
N ASP A 37 -10.75 8.52 4.60
CA ASP A 37 -10.47 9.93 4.23
C ASP A 37 -8.97 10.13 4.15
N VAL A 38 -8.31 9.55 3.14
CA VAL A 38 -6.82 9.47 3.14
C VAL A 38 -6.22 10.84 2.90
N ALA A 39 -6.75 11.60 1.94
CA ALA A 39 -6.23 12.94 1.62
C ALA A 39 -6.34 13.88 2.84
N GLY A 40 -7.46 13.82 3.55
CA GLY A 40 -7.72 14.66 4.73
C GLY A 40 -6.77 14.30 5.87
N HIS A 41 -6.57 13.01 6.12
CA HIS A 41 -5.65 12.55 7.19
C HIS A 41 -4.22 12.94 6.79
N GLY A 42 -3.90 12.79 5.51
CA GLY A 42 -2.58 13.09 4.97
C GLY A 42 -2.22 14.55 5.11
N GLN A 43 -3.17 15.42 4.79
CA GLN A 43 -3.02 16.86 4.94
C GLN A 43 -2.75 17.20 6.40
N ASP A 44 -3.60 16.72 7.29
CA ASP A 44 -3.49 17.00 8.74
C ASP A 44 -2.12 16.53 9.25
N ILE A 45 -1.69 15.32 8.89
CA ILE A 45 -0.43 14.71 9.42
C ILE A 45 0.78 15.49 8.89
N LEU A 46 0.86 15.79 7.62
CA LEU A 46 2.02 16.52 7.11
C LEU A 46 2.04 17.94 7.70
N ILE A 47 0.91 18.60 7.83
CA ILE A 47 0.85 20.00 8.37
C ILE A 47 1.34 19.97 9.82
N ARG A 48 0.90 19.00 10.60
CA ARG A 48 1.34 18.82 11.98
C ARG A 48 2.86 18.57 12.03
N LEU A 49 3.36 17.66 11.21
CA LEU A 49 4.81 17.39 11.08
C LEU A 49 5.57 18.70 10.76
N PHE A 50 5.14 19.40 9.73
CA PHE A 50 5.85 20.61 9.24
C PHE A 50 5.77 21.73 10.29
N LYS A 51 4.69 21.79 11.08
CA LYS A 51 4.56 22.81 12.15
C LYS A 51 5.42 22.42 13.36
N SER A 52 5.45 21.16 13.78
CA SER A 52 6.19 20.71 14.98
C SER A 52 7.68 20.64 14.68
N HIS A 53 8.06 20.43 13.41
CA HIS A 53 9.46 20.12 13.04
C HIS A 53 9.73 20.71 11.67
N PRO A 54 9.84 22.06 11.61
CA PRO A 54 9.89 22.76 10.34
C PRO A 54 11.01 22.28 9.41
N GLU A 55 12.05 21.66 9.96
CA GLU A 55 13.23 21.21 9.17
C GLU A 55 12.81 20.08 8.21
N THR A 56 11.76 19.34 8.53
CA THR A 56 11.26 18.25 7.65
C THR A 56 10.73 18.80 6.34
N LEU A 57 10.18 20.02 6.34
CA LEU A 57 9.57 20.59 5.13
C LEU A 57 10.62 20.70 4.04
N GLU A 58 11.87 20.92 4.43
CA GLU A 58 12.98 21.09 3.48
C GLU A 58 13.22 19.82 2.67
N LYS A 59 12.73 18.64 3.09
CA LYS A 59 12.94 17.36 2.34
C LYS A 59 11.97 17.22 1.18
N PHE A 60 10.96 18.10 1.12
CA PHE A 60 9.95 18.07 0.03
C PHE A 60 10.12 19.28 -0.87
N ASP A 61 10.83 19.08 -1.98
CA ASP A 61 11.23 20.18 -2.91
C ASP A 61 9.99 20.95 -3.37
N ARG A 62 8.91 20.27 -3.76
CA ARG A 62 7.70 20.93 -4.30
C ARG A 62 6.97 21.73 -3.23
N LEU A 63 7.35 21.61 -1.95
CA LEU A 63 6.52 22.09 -0.81
C LEU A 63 7.32 23.13 -0.01
N LYS A 64 8.64 23.17 -0.18
CA LYS A 64 9.55 23.81 0.81
C LYS A 64 9.28 25.33 0.90
N HIS A 65 8.70 25.94 -0.13
CA HIS A 65 8.33 27.37 -0.18
C HIS A 65 7.07 27.67 0.68
N LEU A 66 6.15 26.72 0.84
CA LEU A 66 4.87 26.97 1.57
C LEU A 66 5.18 27.52 2.95
N LYS A 67 4.58 28.65 3.33
CA LYS A 67 4.99 29.35 4.57
C LYS A 67 3.87 29.35 5.61
N THR A 68 2.61 29.19 5.24
CA THR A 68 1.51 29.25 6.24
C THR A 68 0.62 28.01 6.16
N GLU A 69 -0.20 27.81 7.16
CA GLU A 69 -1.18 26.71 7.23
C GLU A 69 -2.19 26.85 6.09
N ALA A 70 -2.69 28.06 5.81
CA ALA A 70 -3.67 28.28 4.73
C ALA A 70 -3.03 27.84 3.41
N GLU A 71 -1.78 28.19 3.18
CA GLU A 71 -1.03 27.84 1.96
C GLU A 71 -0.87 26.30 1.92
N MET A 72 -0.54 25.72 3.06
CA MET A 72 -0.37 24.24 3.14
C MET A 72 -1.69 23.55 2.84
N LYS A 73 -2.82 24.05 3.35
CA LYS A 73 -4.14 23.41 3.13
C LYS A 73 -4.57 23.60 1.70
N ALA A 74 -4.10 24.64 1.03
CA ALA A 74 -4.49 24.88 -0.38
C ALA A 74 -3.63 24.08 -1.34
N SER A 75 -2.46 23.59 -0.95
CA SER A 75 -1.46 22.94 -1.86
C SER A 75 -1.96 21.58 -2.34
N GLU A 76 -2.21 21.41 -3.63
CA GLU A 76 -2.48 20.09 -4.26
C GLU A 76 -1.23 19.19 -4.14
N ASP A 77 -0.05 19.76 -4.19
CA ASP A 77 1.21 18.99 -4.06
C ASP A 77 1.31 18.39 -2.67
N LEU A 78 0.96 19.14 -1.63
CA LEU A 78 1.04 18.61 -0.26
C LEU A 78 -0.01 17.51 -0.12
N LYS A 79 -1.20 17.75 -0.66
CA LYS A 79 -2.26 16.74 -0.61
C LYS A 79 -1.76 15.45 -1.26
N LYS A 80 -1.10 15.54 -2.42
CA LYS A 80 -0.61 14.32 -3.11
C LYS A 80 0.47 13.65 -2.25
N ALA A 81 1.38 14.40 -1.65
CA ALA A 81 2.43 13.83 -0.78
C ALA A 81 1.77 13.10 0.39
N GLY A 82 0.73 13.69 0.96
CA GLY A 82 0.11 13.06 2.14
C GLY A 82 -0.50 11.72 1.78
N VAL A 83 -1.10 11.65 0.60
CA VAL A 83 -1.69 10.37 0.14
C VAL A 83 -0.55 9.37 -0.15
N THR A 84 0.52 9.79 -0.79
CA THR A 84 1.70 8.93 -1.04
C THR A 84 2.13 8.30 0.30
N VAL A 85 2.34 9.12 1.34
CA VAL A 85 2.90 8.68 2.64
C VAL A 85 1.93 7.71 3.28
N LEU A 86 0.65 8.07 3.39
CA LEU A 86 -0.29 7.22 4.15
C LEU A 86 -0.64 5.93 3.41
N THR A 87 -0.69 5.92 2.09
CA THR A 87 -1.00 4.67 1.35
C THR A 87 0.18 3.72 1.43
N ALA A 88 1.42 4.20 1.36
CA ALA A 88 2.60 3.33 1.48
C ALA A 88 2.62 2.81 2.92
N LEU A 89 2.35 3.68 3.91
CA LEU A 89 2.45 3.18 5.31
C LEU A 89 1.33 2.17 5.54
N GLY A 90 0.10 2.44 5.06
CA GLY A 90 -1.01 1.50 5.23
C GLY A 90 -0.65 0.13 4.65
N ALA A 91 -0.03 0.10 3.50
CA ALA A 91 0.30 -1.21 2.84
C ALA A 91 1.27 -2.00 3.73
N ILE A 92 2.24 -1.30 4.32
CA ILE A 92 3.24 -1.88 5.26
C ILE A 92 2.52 -2.39 6.51
N LEU A 93 1.61 -1.61 7.09
CA LEU A 93 0.87 -2.05 8.29
C LEU A 93 0.05 -3.29 7.99
N LYS A 94 -0.58 -3.37 6.82
CA LYS A 94 -1.43 -4.52 6.48
C LYS A 94 -0.60 -5.79 6.32
N LYS A 95 0.73 -5.69 6.22
CA LYS A 95 1.57 -6.93 6.17
C LYS A 95 1.69 -7.50 7.59
N LYS A 96 1.25 -6.75 8.61
CA LYS A 96 1.34 -7.22 10.02
C LYS A 96 2.77 -7.70 10.37
N GLY A 97 3.80 -6.94 10.03
CA GLY A 97 5.20 -7.25 10.33
C GLY A 97 5.92 -8.03 9.25
N HIS A 98 5.21 -8.55 8.25
CA HIS A 98 5.82 -9.33 7.15
C HIS A 98 6.16 -8.35 6.01
N HIS A 99 6.96 -7.36 6.29
CA HIS A 99 7.12 -6.18 5.40
C HIS A 99 8.57 -6.04 4.90
N GLU A 100 9.36 -7.10 4.99
CA GLU A 100 10.79 -7.06 4.59
C GLU A 100 10.90 -6.60 3.14
N ALA A 101 10.14 -7.20 2.24
CA ALA A 101 10.23 -6.93 0.80
C ALA A 101 9.86 -5.48 0.53
N GLU A 102 8.78 -4.99 1.15
CA GLU A 102 8.27 -3.61 1.01
C GLU A 102 9.29 -2.60 1.53
N LEU A 103 10.00 -2.93 2.59
CA LEU A 103 10.92 -1.90 3.18
C LEU A 103 12.16 -1.70 2.31
N LYS A 104 12.51 -2.67 1.46
CA LYS A 104 13.77 -2.60 0.67
C LYS A 104 13.80 -1.38 -0.24
N PRO A 105 12.87 -1.21 -1.20
CA PRO A 105 12.89 -0.03 -2.07
C PRO A 105 12.65 1.29 -1.33
N LEU A 106 11.85 1.24 -0.26
CA LEU A 106 11.57 2.44 0.53
C LEU A 106 12.85 2.89 1.24
N ALA A 107 13.54 1.96 1.92
CA ALA A 107 14.86 2.28 2.52
C ALA A 107 15.80 2.79 1.42
N GLN A 108 15.84 2.14 0.26
CA GLN A 108 16.80 2.55 -0.79
C GLN A 108 16.60 4.02 -1.15
N SER A 109 15.37 4.41 -1.46
CA SER A 109 15.10 5.81 -1.90
C SER A 109 15.31 6.77 -0.72
N HIS A 110 14.90 6.37 0.49
CA HIS A 110 14.84 7.32 1.63
C HIS A 110 16.26 7.49 2.20
N ALA A 111 17.07 6.45 2.22
CA ALA A 111 18.45 6.55 2.76
C ALA A 111 19.36 7.16 1.69
N THR A 112 19.22 6.75 0.44
CA THR A 112 20.25 7.04 -0.62
C THR A 112 19.94 8.38 -1.29
N LYS A 113 18.72 8.59 -1.76
CA LYS A 113 18.34 9.81 -2.51
C LYS A 113 17.91 10.91 -1.53
N HIS A 114 16.88 10.66 -0.72
CA HIS A 114 16.25 11.75 0.07
C HIS A 114 17.06 12.06 1.31
N LYS A 115 17.87 11.13 1.81
CA LYS A 115 18.64 11.32 3.08
C LYS A 115 17.70 11.63 4.24
N ILE A 116 16.72 10.77 4.47
CA ILE A 116 15.75 10.98 5.57
C ILE A 116 16.33 10.32 6.80
N PRO A 117 16.64 11.08 7.87
CA PRO A 117 17.09 10.46 9.11
C PRO A 117 15.95 9.67 9.73
N ILE A 118 16.32 8.63 10.46
CA ILE A 118 15.34 7.81 11.21
C ILE A 118 14.57 8.73 12.15
N LYS A 119 15.23 9.76 12.68
CA LYS A 119 14.60 10.69 13.63
C LYS A 119 13.33 11.29 12.99
N TYR A 120 13.32 11.55 11.68
CA TYR A 120 12.10 12.13 11.05
C TYR A 120 10.96 11.12 11.03
N LEU A 121 11.26 9.83 10.90
CA LEU A 121 10.21 8.78 10.99
C LEU A 121 9.60 8.82 12.40
N GLU A 122 10.41 9.14 13.41
CA GLU A 122 9.86 9.26 14.80
C GLU A 122 8.96 10.50 14.86
N PHE A 123 9.41 11.59 14.28
CA PHE A 123 8.61 12.84 14.23
C PHE A 123 7.26 12.57 13.55
N ILE A 124 7.25 11.91 12.40
CA ILE A 124 5.95 11.67 11.70
C ILE A 124 5.13 10.65 12.49
N SER A 125 5.77 9.71 13.16
CA SER A 125 4.99 8.81 14.04
C SER A 125 4.21 9.64 15.07
N GLU A 126 4.86 10.64 15.68
CA GLU A 126 4.19 11.50 16.70
C GLU A 126 3.04 12.25 16.04
N ALA A 127 3.26 12.75 14.82
CA ALA A 127 2.24 13.48 14.06
C ALA A 127 1.05 12.55 13.79
N ILE A 128 1.30 11.29 13.44
CA ILE A 128 0.21 10.31 13.14
C ILE A 128 -0.63 10.09 14.41
N ILE A 129 0.00 9.78 15.52
CA ILE A 129 -0.75 9.54 16.80
C ILE A 129 -1.55 10.79 17.17
N HIS A 130 -0.94 11.97 17.07
CA HIS A 130 -1.63 13.24 17.37
C HIS A 130 -2.89 13.39 16.52
N VAL A 131 -2.78 13.19 15.23
CA VAL A 131 -3.91 13.44 14.31
C VAL A 131 -4.98 12.37 14.53
N LEU A 132 -4.58 11.13 14.82
CA LEU A 132 -5.57 10.07 15.04
C LEU A 132 -6.39 10.46 16.26
N HIS A 133 -5.75 10.95 17.32
CA HIS A 133 -6.44 11.40 18.56
C HIS A 133 -7.42 12.54 18.22
N SER A 134 -6.95 13.49 17.42
CA SER A 134 -7.68 14.71 17.04
C SER A 134 -8.92 14.32 16.22
N ARG A 135 -8.82 13.39 15.26
CA ARG A 135 -9.94 13.10 14.33
CA ARG A 135 -9.92 13.07 14.32
C ARG A 135 -10.83 11.94 14.83
N HIS A 136 -10.36 11.08 15.70
CA HIS A 136 -11.19 9.95 16.18
C HIS A 136 -11.20 9.97 17.71
N PRO A 137 -11.52 11.12 18.37
CA PRO A 137 -11.33 11.28 19.81
C PRO A 137 -12.21 10.24 20.54
N GLY A 138 -13.28 9.78 19.91
CA GLY A 138 -14.19 8.82 20.54
C GLY A 138 -13.71 7.38 20.42
N ASN A 139 -12.82 7.07 19.49
CA ASN A 139 -12.48 5.67 19.15
C ASN A 139 -10.95 5.47 19.02
N PHE A 140 -10.14 6.36 19.53
CA PHE A 140 -8.69 6.08 19.52
C PHE A 140 -8.21 6.22 20.96
N GLY A 141 -8.46 5.16 21.72
CA GLY A 141 -8.21 5.11 23.16
C GLY A 141 -6.82 4.64 23.47
N ALA A 142 -6.57 4.42 24.75
CA ALA A 142 -5.26 3.98 25.29
C ALA A 142 -4.78 2.73 24.54
N ASP A 143 -5.67 1.76 24.37
CA ASP A 143 -5.33 0.44 23.77
C ASP A 143 -4.88 0.62 22.31
N ALA A 144 -5.70 1.30 21.50
CA ALA A 144 -5.49 1.57 20.06
C ALA A 144 -4.21 2.38 19.93
N GLN A 145 -4.02 3.39 20.78
CA GLN A 145 -2.80 4.22 20.75
C GLN A 145 -1.56 3.35 21.00
N GLY A 146 -1.62 2.45 21.97
CA GLY A 146 -0.47 1.61 22.33
C GLY A 146 -0.14 0.68 21.17
N ALA A 147 -1.15 0.11 20.51
CA ALA A 147 -0.93 -0.88 19.44
C ALA A 147 -0.35 -0.13 18.24
N MET A 148 -0.89 1.04 17.94
CA MET A 148 -0.33 1.90 16.85
C MET A 148 1.12 2.26 17.19
N ASN A 149 1.44 2.67 18.42
CA ASN A 149 2.84 2.99 18.78
C ASN A 149 3.72 1.76 18.53
N LYS A 150 3.25 0.57 18.85
CA LYS A 150 4.06 -0.65 18.67
C LYS A 150 4.29 -0.92 17.17
N ALA A 151 3.26 -0.77 16.34
CA ALA A 151 3.34 -1.02 14.88
C ALA A 151 4.34 -0.03 14.28
N LEU A 152 4.31 1.23 14.68
CA LEU A 152 5.19 2.27 14.07
C LEU A 152 6.63 2.08 14.58
N GLU A 153 6.76 1.63 15.80
CA GLU A 153 8.06 1.30 16.41
C GLU A 153 8.69 0.15 15.62
N LEU A 154 7.92 -0.90 15.32
CA LEU A 154 8.43 -2.05 14.55
C LEU A 154 8.86 -1.55 13.15
N PHE A 155 8.06 -0.72 12.52
CA PHE A 155 8.37 -0.13 11.19
C PHE A 155 9.70 0.63 11.26
N ARG A 156 9.86 1.49 12.25
CA ARG A 156 11.08 2.32 12.37
C ARG A 156 12.28 1.42 12.67
N LYS A 157 12.10 0.40 13.50
CA LYS A 157 13.21 -0.53 13.86
C LYS A 157 13.64 -1.27 12.61
N ASP A 158 12.70 -1.84 11.85
CA ASP A 158 13.03 -2.67 10.68
C ASP A 158 13.63 -1.80 9.56
N ILE A 159 13.12 -0.60 9.41
CA ILE A 159 13.62 0.23 8.28
C ILE A 159 15.02 0.78 8.64
N ALA A 160 15.29 1.06 9.91
CA ALA A 160 16.66 1.44 10.37
C ALA A 160 17.67 0.33 10.04
N ALA A 161 17.31 -0.93 10.27
CA ALA A 161 18.09 -2.14 9.92
C ALA A 161 18.31 -2.20 8.41
N LYS A 162 17.30 -1.86 7.60
CA LYS A 162 17.42 -1.87 6.12
CA LYS A 162 17.42 -1.88 6.13
C LYS A 162 18.32 -0.73 5.64
N TYR A 163 18.25 0.43 6.29
CA TYR A 163 19.17 1.53 5.92
C TYR A 163 20.63 1.05 6.04
N LYS A 164 20.98 0.36 7.13
CA LYS A 164 22.37 -0.16 7.39
C LYS A 164 22.73 -1.24 6.37
N GLU A 165 21.80 -2.12 5.99
CA GLU A 165 22.02 -3.14 4.93
C GLU A 165 22.26 -2.47 3.58
N LEU A 166 21.81 -1.24 3.38
CA LEU A 166 21.95 -0.54 2.07
C LEU A 166 23.12 0.45 2.10
N GLY A 167 23.86 0.51 3.21
CA GLY A 167 25.09 1.31 3.28
C GLY A 167 24.98 2.58 4.09
N TYR A 168 23.89 2.81 4.83
CA TYR A 168 23.68 4.13 5.48
C TYR A 168 23.25 3.97 6.93
N GLN A 169 23.70 4.88 7.77
CA GLN A 169 23.37 4.91 9.23
C GLN A 169 21.97 5.53 9.39
N GLY A 170 21.69 6.69 8.81
CA GLY A 170 20.41 7.39 9.04
C GLY A 170 20.25 7.82 10.51
N ASN B 11 -14.90 15.08 4.20
CA ASN B 11 -14.15 14.06 3.41
C ASN B 11 -13.39 14.74 2.26
N LEU B 12 -12.09 14.93 2.42
CA LEU B 12 -11.29 15.83 1.54
C LEU B 12 -11.16 15.24 0.13
N TYR B 13 -11.58 16.03 -0.86
CA TYR B 13 -11.61 15.63 -2.29
C TYR B 13 -10.17 15.47 -2.76
N PHE B 14 -9.95 14.43 -3.54
CA PHE B 14 -8.62 14.08 -4.06
C PHE B 14 -8.79 13.69 -5.53
N GLN B 15 -8.44 14.62 -6.42
CA GLN B 15 -8.68 14.49 -7.88
C GLN B 15 -7.84 13.33 -8.43
N GLY B 16 -8.50 12.32 -9.00
CA GLY B 16 -7.80 11.21 -9.67
C GLY B 16 -7.52 11.49 -11.13
N LYS B 17 -6.88 10.58 -11.84
CA LYS B 17 -6.74 10.72 -13.30
C LYS B 17 -7.22 9.48 -14.06
N VAL B 18 -7.50 9.70 -15.35
CA VAL B 18 -8.05 8.76 -16.36
C VAL B 18 -9.49 8.36 -16.01
N LEU B 19 -9.69 7.61 -14.93
CA LEU B 19 -11.05 7.22 -14.47
C LEU B 19 -11.76 8.47 -13.92
N SER B 20 -13.08 8.44 -13.88
CA SER B 20 -13.89 9.51 -13.25
C SER B 20 -13.86 9.30 -11.73
N GLU B 21 -14.21 10.35 -10.99
CA GLU B 21 -14.31 10.29 -9.51
C GLU B 21 -15.26 9.15 -9.15
N GLY B 22 -16.41 9.07 -9.80
CA GLY B 22 -17.39 8.00 -9.55
C GLY B 22 -16.80 6.62 -9.79
N GLU B 23 -16.04 6.44 -10.86
CA GLU B 23 -15.37 5.14 -11.19
C GLU B 23 -14.34 4.80 -10.09
N TRP B 24 -13.52 5.77 -9.71
CA TRP B 24 -12.50 5.57 -8.64
C TRP B 24 -13.21 5.15 -7.36
N GLN B 25 -14.32 5.80 -7.01
CA GLN B 25 -15.05 5.44 -5.78
C GLN B 25 -15.55 4.00 -5.89
N LEU B 26 -15.97 3.51 -7.05
CA LEU B 26 -16.46 2.09 -7.13
C LEU B 26 -15.26 1.15 -6.89
N VAL B 27 -14.11 1.51 -7.43
CA VAL B 27 -12.88 0.67 -7.27
C VAL B 27 -12.53 0.65 -5.78
N LEU B 28 -12.50 1.81 -5.13
CA LEU B 28 -12.00 1.90 -3.74
C LEU B 28 -12.98 1.27 -2.79
N HIS B 29 -14.29 1.30 -3.08
CA HIS B 29 -15.31 0.76 -2.17
C HIS B 29 -15.22 -0.75 -2.20
N VAL B 30 -15.02 -1.38 -3.38
CA VAL B 30 -14.88 -2.86 -3.37
C VAL B 30 -13.49 -3.21 -2.79
N TRP B 31 -12.46 -2.40 -2.99
CA TRP B 31 -11.12 -2.78 -2.47
C TRP B 31 -11.14 -2.79 -0.94
N ALA B 32 -11.94 -1.94 -0.32
CA ALA B 32 -12.03 -1.93 1.15
C ALA B 32 -12.57 -3.29 1.62
N LYS B 33 -13.52 -3.88 0.88
CA LYS B 33 -14.02 -5.23 1.21
C LYS B 33 -12.92 -6.25 0.97
N VAL B 34 -12.14 -6.11 -0.08
CA VAL B 34 -11.01 -7.04 -0.36
C VAL B 34 -10.06 -7.03 0.83
N GLU B 35 -9.68 -5.82 1.28
CA GLU B 35 -8.57 -5.69 2.26
C GLU B 35 -9.08 -6.08 3.63
N ALA B 36 -10.38 -6.04 3.86
CA ALA B 36 -10.97 -6.54 5.14
C ALA B 36 -10.79 -8.05 5.28
N ASP B 37 -10.54 -8.80 4.20
CA ASP B 37 -10.17 -10.24 4.28
C ASP B 37 -9.06 -10.45 3.26
N VAL B 38 -7.95 -9.76 3.49
CA VAL B 38 -6.91 -9.66 2.44
C VAL B 38 -6.29 -11.03 2.21
N ALA B 39 -6.08 -11.82 3.27
CA ALA B 39 -5.42 -13.13 3.09
C ALA B 39 -6.35 -14.06 2.32
N GLY B 40 -7.67 -14.00 2.62
CA GLY B 40 -8.62 -14.92 1.96
C GLY B 40 -8.80 -14.60 0.48
N HIS B 41 -8.89 -13.32 0.15
CA HIS B 41 -8.96 -12.86 -1.26
C HIS B 41 -7.65 -13.20 -1.95
N GLY B 42 -6.53 -12.99 -1.27
CA GLY B 42 -5.22 -13.28 -1.92
C GLY B 42 -5.09 -14.75 -2.26
N GLN B 43 -5.59 -15.61 -1.36
CA GLN B 43 -5.52 -17.07 -1.61
C GLN B 43 -6.42 -17.44 -2.79
N ASP B 44 -7.67 -16.98 -2.74
CA ASP B 44 -8.62 -17.20 -3.86
C ASP B 44 -7.98 -16.74 -5.16
N ILE B 45 -7.46 -15.53 -5.21
CA ILE B 45 -6.97 -14.95 -6.51
C ILE B 45 -5.75 -15.73 -6.98
N LEU B 46 -4.75 -15.98 -6.13
CA LEU B 46 -3.54 -16.69 -6.63
C LEU B 46 -3.92 -18.12 -7.04
N ILE B 47 -4.77 -18.81 -6.30
CA ILE B 47 -5.16 -20.20 -6.63
C ILE B 47 -5.86 -20.20 -8.00
N ARG B 48 -6.77 -19.28 -8.22
CA ARG B 48 -7.44 -19.15 -9.52
C ARG B 48 -6.39 -18.91 -10.61
N LEU B 49 -5.43 -18.02 -10.35
CA LEU B 49 -4.38 -17.69 -11.32
C LEU B 49 -3.57 -18.97 -11.62
N PHE B 50 -3.15 -19.67 -10.58
CA PHE B 50 -2.22 -20.81 -10.74
C PHE B 50 -2.95 -21.97 -11.40
N LYS B 51 -4.24 -22.11 -11.19
CA LYS B 51 -5.03 -23.18 -11.82
C LYS B 51 -5.34 -22.82 -13.27
N SER B 52 -5.74 -21.59 -13.57
CA SER B 52 -6.03 -21.13 -14.97
C SER B 52 -4.75 -21.04 -15.82
N HIS B 53 -3.61 -20.74 -15.23
CA HIS B 53 -2.39 -20.43 -16.02
C HIS B 53 -1.20 -20.98 -15.25
N PRO B 54 -1.05 -22.33 -15.20
CA PRO B 54 -0.04 -22.98 -14.37
C PRO B 54 1.39 -22.47 -14.56
N GLU B 55 1.70 -21.91 -15.72
CA GLU B 55 3.06 -21.39 -16.00
C GLU B 55 3.38 -20.26 -15.01
N THR B 56 2.38 -19.55 -14.48
CA THR B 56 2.65 -18.40 -13.60
C THR B 56 3.26 -18.90 -12.29
N LEU B 57 2.93 -20.13 -11.90
CA LEU B 57 3.39 -20.69 -10.61
C LEU B 57 4.92 -20.70 -10.63
N GLU B 58 5.53 -20.84 -11.81
CA GLU B 58 7.00 -20.99 -11.91
C GLU B 58 7.67 -19.71 -11.41
N LYS B 59 6.98 -18.56 -11.43
CA LYS B 59 7.60 -17.26 -11.08
C LYS B 59 7.81 -17.11 -9.58
N PHE B 60 7.17 -17.96 -8.80
CA PHE B 60 7.31 -17.91 -7.32
C PHE B 60 8.13 -19.11 -6.86
N ASP B 61 9.42 -18.91 -6.61
CA ASP B 61 10.34 -20.02 -6.26
C ASP B 61 9.83 -20.78 -5.02
N ARG B 62 9.41 -20.09 -3.97
CA ARG B 62 8.86 -20.73 -2.75
C ARG B 62 7.57 -21.53 -3.03
N LEU B 63 6.90 -21.33 -4.16
CA LEU B 63 5.56 -21.92 -4.38
C LEU B 63 5.63 -22.98 -5.47
N LYS B 64 6.70 -23.05 -6.24
CA LYS B 64 6.53 -23.65 -7.60
C LYS B 64 6.32 -25.17 -7.51
N HIS B 65 6.59 -25.79 -6.36
CA HIS B 65 6.42 -27.23 -6.10
C HIS B 65 4.96 -27.61 -5.77
N LEU B 66 4.08 -26.65 -5.46
CA LEU B 66 2.69 -26.95 -4.99
C LEU B 66 1.91 -27.53 -6.17
N LYS B 67 1.11 -28.58 -5.96
CA LYS B 67 0.40 -29.27 -7.08
C LYS B 67 -1.10 -29.02 -6.95
N THR B 68 -1.70 -29.44 -5.84
CA THR B 68 -3.17 -29.50 -5.68
C THR B 68 -3.69 -28.21 -5.01
N GLU B 69 -4.98 -27.99 -5.15
CA GLU B 69 -5.71 -26.92 -4.42
C GLU B 69 -5.47 -27.11 -2.92
N ALA B 70 -5.60 -28.33 -2.37
CA ALA B 70 -5.36 -28.61 -0.93
C ALA B 70 -3.96 -28.14 -0.53
N GLU B 71 -2.94 -28.42 -1.34
CA GLU B 71 -1.54 -28.06 -1.02
C GLU B 71 -1.42 -26.51 -1.06
N MET B 72 -2.02 -25.90 -2.03
CA MET B 72 -2.02 -24.40 -2.20
C MET B 72 -2.75 -23.75 -1.02
N LYS B 73 -3.88 -24.32 -0.61
CA LYS B 73 -4.68 -23.81 0.54
C LYS B 73 -3.91 -23.95 1.85
N ALA B 74 -3.03 -24.93 1.99
CA ALA B 74 -2.31 -25.14 3.26
C ALA B 74 -1.06 -24.28 3.29
N SER B 75 -0.59 -23.78 2.15
CA SER B 75 0.72 -23.09 2.07
C SER B 75 0.70 -21.73 2.77
N GLU B 76 1.48 -21.58 3.84
CA GLU B 76 1.59 -20.25 4.50
C GLU B 76 2.33 -19.29 3.55
N ASP B 77 3.28 -19.81 2.76
CA ASP B 77 4.01 -18.95 1.80
C ASP B 77 3.06 -18.43 0.72
N LEU B 78 2.14 -19.24 0.20
CA LEU B 78 1.17 -18.75 -0.81
C LEU B 78 0.30 -17.64 -0.18
N LYS B 79 -0.17 -17.83 1.02
CA LYS B 79 -0.97 -16.81 1.73
C LYS B 79 -0.19 -15.49 1.90
N LYS B 80 1.07 -15.56 2.32
CA LYS B 80 1.94 -14.36 2.37
C LYS B 80 2.06 -13.69 1.01
N ALA B 81 2.27 -14.42 -0.09
CA ALA B 81 2.37 -13.86 -1.45
C ALA B 81 1.08 -13.15 -1.84
N GLY B 82 -0.08 -13.73 -1.50
CA GLY B 82 -1.36 -13.13 -1.84
C GLY B 82 -1.56 -11.81 -1.09
N VAL B 83 -1.12 -11.74 0.15
CA VAL B 83 -1.22 -10.47 0.91
C VAL B 83 -0.26 -9.45 0.32
N THR B 84 0.94 -9.86 -0.06
CA THR B 84 1.94 -8.99 -0.70
C THR B 84 1.33 -8.36 -1.95
N VAL B 85 0.80 -9.18 -2.83
CA VAL B 85 0.20 -8.74 -4.11
C VAL B 85 -0.95 -7.80 -3.84
N LEU B 86 -1.93 -8.19 -3.03
CA LEU B 86 -3.16 -7.38 -2.91
C LEU B 86 -2.91 -6.06 -2.17
N THR B 87 -2.02 -6.04 -1.19
CA THR B 87 -1.77 -4.77 -0.44
C THR B 87 -1.02 -3.80 -1.34
N ALA B 88 -0.08 -4.28 -2.15
CA ALA B 88 0.67 -3.44 -3.10
C ALA B 88 -0.27 -2.90 -4.16
N LEU B 89 -1.16 -3.75 -4.67
CA LEU B 89 -2.14 -3.28 -5.68
C LEU B 89 -3.11 -2.29 -5.04
N GLY B 90 -3.53 -2.55 -3.81
CA GLY B 90 -4.38 -1.62 -3.08
C GLY B 90 -3.74 -0.23 -2.99
N ALA B 91 -2.44 -0.15 -2.66
CA ALA B 91 -1.72 1.12 -2.44
C ALA B 91 -1.74 1.88 -3.78
N ILE B 92 -1.59 1.15 -4.88
CA ILE B 92 -1.58 1.70 -6.26
C ILE B 92 -2.96 2.23 -6.61
N LEU B 93 -4.04 1.47 -6.36
CA LEU B 93 -5.43 1.90 -6.67
C LEU B 93 -5.80 3.13 -5.84
N LYS B 94 -5.36 3.19 -4.59
CA LYS B 94 -5.67 4.36 -3.72
C LYS B 94 -4.99 5.65 -4.22
N LYS B 95 -4.02 5.57 -5.09
CA LYS B 95 -3.41 6.79 -5.66
C LYS B 95 -4.32 7.36 -6.77
N LYS B 96 -5.35 6.63 -7.20
CA LYS B 96 -6.28 7.08 -8.28
C LYS B 96 -5.48 7.56 -9.51
N GLY B 97 -4.51 6.77 -9.94
CA GLY B 97 -3.69 6.98 -11.14
C GLY B 97 -2.47 7.84 -10.89
N HIS B 98 -2.31 8.47 -9.72
CA HIS B 98 -1.07 9.23 -9.41
C HIS B 98 -0.02 8.26 -8.84
N HIS B 99 0.37 7.25 -9.59
CA HIS B 99 1.12 6.09 -9.04
C HIS B 99 2.50 5.94 -9.65
N GLU B 100 3.00 6.98 -10.31
CA GLU B 100 4.28 6.89 -11.03
C GLU B 100 5.41 6.48 -10.09
N ALA B 101 5.47 7.10 -8.93
CA ALA B 101 6.51 6.80 -7.91
C ALA B 101 6.43 5.34 -7.50
N GLU B 102 5.22 4.86 -7.20
CA GLU B 102 4.99 3.48 -6.69
C GLU B 102 5.35 2.46 -7.77
N LEU B 103 5.11 2.77 -9.05
CA LEU B 103 5.35 1.77 -10.14
C LEU B 103 6.83 1.63 -10.40
N LYS B 104 7.66 2.60 -10.02
CA LYS B 104 9.09 2.58 -10.38
C LYS B 104 9.77 1.38 -9.76
N PRO B 105 9.79 1.27 -8.41
CA PRO B 105 10.42 0.13 -7.76
C PRO B 105 9.73 -1.17 -8.15
N LEU B 106 8.41 -1.13 -8.34
CA LEU B 106 7.70 -2.39 -8.71
C LEU B 106 8.23 -2.85 -10.09
N ALA B 107 8.26 -1.95 -11.07
CA ALA B 107 8.77 -2.29 -12.41
C ALA B 107 10.22 -2.78 -12.27
N GLN B 108 11.03 -2.15 -11.41
CA GLN B 108 12.44 -2.53 -11.19
C GLN B 108 12.49 -4.00 -10.82
N SER B 109 11.79 -4.39 -9.76
CA SER B 109 11.89 -5.77 -9.22
C SER B 109 11.17 -6.71 -10.20
N HIS B 110 10.16 -6.24 -10.94
CA HIS B 110 9.34 -7.18 -11.74
C HIS B 110 9.90 -7.30 -13.17
N ALA B 111 10.67 -6.32 -13.65
CA ALA B 111 11.31 -6.38 -14.99
C ALA B 111 12.71 -7.01 -14.88
N THR B 112 13.45 -6.66 -13.82
CA THR B 112 14.85 -7.09 -13.62
C THR B 112 14.92 -8.44 -12.91
N LYS B 113 14.60 -8.42 -11.63
CA LYS B 113 14.93 -9.50 -10.68
C LYS B 113 13.99 -10.68 -10.98
N HIS B 114 12.69 -10.42 -10.91
CA HIS B 114 11.67 -11.29 -11.51
C HIS B 114 11.48 -10.74 -12.91
N LYS B 115 11.21 -11.61 -13.86
CA LYS B 115 10.84 -11.19 -15.22
C LYS B 115 9.37 -11.50 -15.40
N ILE B 116 8.47 -10.57 -15.07
CA ILE B 116 7.00 -10.81 -15.13
C ILE B 116 6.44 -10.16 -16.39
N PRO B 117 6.10 -10.94 -17.45
CA PRO B 117 5.51 -10.36 -18.66
C PRO B 117 4.13 -9.74 -18.41
N ILE B 118 3.82 -8.71 -19.18
CA ILE B 118 2.52 -8.00 -19.11
C ILE B 118 1.41 -9.03 -19.21
N LYS B 119 1.62 -10.09 -19.97
CA LYS B 119 0.57 -11.12 -20.19
C LYS B 119 0.13 -11.64 -18.84
N TYR B 120 1.07 -11.79 -17.90
CA TYR B 120 0.77 -12.38 -16.56
C TYR B 120 -0.06 -11.37 -15.76
N LEU B 121 0.18 -10.08 -15.93
CA LEU B 121 -0.65 -9.02 -15.30
C LEU B 121 -2.07 -9.12 -15.87
N GLU B 122 -2.22 -9.46 -17.15
CA GLU B 122 -3.56 -9.65 -17.72
C GLU B 122 -4.21 -10.86 -17.04
N PHE B 123 -3.47 -11.95 -16.91
CA PHE B 123 -3.95 -13.17 -16.23
C PHE B 123 -4.43 -12.83 -14.81
N ILE B 124 -3.62 -12.13 -14.03
CA ILE B 124 -4.05 -11.90 -12.61
C ILE B 124 -5.21 -10.89 -12.59
N SER B 125 -5.28 -10.00 -13.58
CA SER B 125 -6.39 -9.05 -13.64
C SER B 125 -7.71 -9.80 -13.82
N GLU B 126 -7.74 -10.82 -14.68
CA GLU B 126 -8.90 -11.70 -14.88
C GLU B 126 -9.23 -12.41 -13.57
N ALA B 127 -8.25 -12.95 -12.90
CA ALA B 127 -8.44 -13.68 -11.64
C ALA B 127 -9.01 -12.72 -10.60
N ILE B 128 -8.47 -11.50 -10.49
CA ILE B 128 -9.01 -10.48 -9.53
C ILE B 128 -10.49 -10.21 -9.86
N ILE B 129 -10.81 -9.98 -11.14
CA ILE B 129 -12.21 -9.63 -11.51
C ILE B 129 -13.12 -10.82 -11.19
N HIS B 130 -12.64 -12.04 -11.44
CA HIS B 130 -13.48 -13.23 -11.24
C HIS B 130 -13.82 -13.41 -9.76
N VAL B 131 -12.81 -13.28 -8.90
CA VAL B 131 -12.99 -13.50 -7.43
C VAL B 131 -13.86 -12.37 -6.88
N LEU B 132 -13.65 -11.14 -7.31
CA LEU B 132 -14.46 -10.03 -6.75
C LEU B 132 -15.92 -10.20 -7.21
N HIS B 133 -16.14 -10.67 -8.43
CA HIS B 133 -17.50 -10.87 -8.96
C HIS B 133 -18.17 -11.97 -8.11
N SER B 134 -17.44 -13.02 -7.86
CA SER B 134 -17.97 -14.17 -7.13
C SER B 134 -18.28 -13.77 -5.68
N ARG B 135 -17.48 -12.93 -5.03
CA ARG B 135 -17.63 -12.73 -3.58
C ARG B 135 -18.49 -11.52 -3.26
N HIS B 136 -18.60 -10.51 -4.15
CA HIS B 136 -19.14 -9.17 -3.80
C HIS B 136 -20.27 -8.73 -4.75
N PRO B 137 -21.42 -9.41 -4.78
CA PRO B 137 -22.59 -8.91 -5.53
C PRO B 137 -23.03 -7.49 -5.18
N GLY B 138 -22.89 -7.08 -3.92
CA GLY B 138 -23.30 -5.73 -3.50
C GLY B 138 -22.39 -4.63 -3.98
N ASN B 139 -21.08 -4.85 -4.09
CA ASN B 139 -20.20 -3.72 -4.48
C ASN B 139 -19.44 -4.06 -5.75
N PHE B 140 -19.80 -5.16 -6.40
CA PHE B 140 -19.17 -5.50 -7.69
C PHE B 140 -20.26 -5.90 -8.72
N GLY B 141 -21.24 -4.99 -8.90
CA GLY B 141 -22.18 -4.97 -10.03
C GLY B 141 -21.45 -4.61 -11.30
N ALA B 142 -22.16 -4.52 -12.43
CA ALA B 142 -21.53 -4.34 -13.74
C ALA B 142 -20.75 -3.02 -13.78
N ASP B 143 -21.24 -1.97 -13.13
CA ASP B 143 -20.54 -0.67 -13.28
C ASP B 143 -19.21 -0.72 -12.49
N ALA B 144 -19.20 -1.33 -11.30
CA ALA B 144 -17.99 -1.50 -10.46
C ALA B 144 -16.97 -2.37 -11.22
N GLN B 145 -17.42 -3.44 -11.87
CA GLN B 145 -16.51 -4.32 -12.65
C GLN B 145 -15.94 -3.50 -13.81
N GLY B 146 -16.73 -2.65 -14.44
CA GLY B 146 -16.18 -1.84 -15.56
C GLY B 146 -15.11 -0.90 -15.06
N ALA B 147 -15.37 -0.24 -13.93
CA ALA B 147 -14.40 0.67 -13.29
C ALA B 147 -13.13 -0.12 -12.92
N MET B 148 -13.27 -1.28 -12.31
CA MET B 148 -12.07 -2.06 -11.89
C MET B 148 -11.28 -2.45 -13.14
N ASN B 149 -11.98 -2.84 -14.22
CA ASN B 149 -11.27 -3.14 -15.49
C ASN B 149 -10.47 -1.92 -15.96
N LYS B 150 -11.04 -0.74 -15.93
CA LYS B 150 -10.32 0.48 -16.35
C LYS B 150 -9.12 0.72 -15.41
N ALA B 151 -9.28 0.54 -14.10
CA ALA B 151 -8.15 0.79 -13.16
C ALA B 151 -7.01 -0.20 -13.42
N LEU B 152 -7.34 -1.46 -13.63
CA LEU B 152 -6.32 -2.51 -13.88
C LEU B 152 -5.67 -2.28 -15.25
N GLU B 153 -6.46 -1.89 -16.23
CA GLU B 153 -5.92 -1.58 -17.58
C GLU B 153 -4.88 -0.44 -17.49
N LEU B 154 -5.22 0.62 -16.79
CA LEU B 154 -4.30 1.78 -16.58
C LEU B 154 -3.03 1.30 -15.89
N PHE B 155 -3.18 0.48 -14.86
CA PHE B 155 -2.03 -0.08 -14.12
C PHE B 155 -1.14 -0.84 -15.11
N ARG B 156 -1.73 -1.73 -15.92
CA ARG B 156 -0.93 -2.58 -16.85
C ARG B 156 -0.23 -1.71 -17.91
N LYS B 157 -0.91 -0.70 -18.42
CA LYS B 157 -0.33 0.23 -19.39
C LYS B 157 0.82 1.02 -18.74
N ASP B 158 0.65 1.54 -17.53
CA ASP B 158 1.67 2.44 -16.95
C ASP B 158 2.87 1.59 -16.57
N ILE B 159 2.66 0.35 -16.16
CA ILE B 159 3.85 -0.45 -15.77
C ILE B 159 4.54 -0.96 -17.04
N ALA B 160 3.82 -1.23 -18.12
CA ALA B 160 4.45 -1.58 -19.42
C ALA B 160 5.40 -0.45 -19.85
N ALA B 161 4.98 0.80 -19.69
CA ALA B 161 5.81 1.98 -20.06
C ALA B 161 7.07 2.01 -19.19
N LYS B 162 7.00 1.62 -17.92
CA LYS B 162 8.20 1.59 -17.03
C LYS B 162 9.13 0.45 -17.42
N TYR B 163 8.57 -0.72 -17.74
CA TYR B 163 9.28 -1.88 -18.35
C TYR B 163 10.13 -1.39 -19.52
N LYS B 164 9.55 -0.61 -20.42
CA LYS B 164 10.19 -0.18 -21.69
C LYS B 164 11.34 0.78 -21.34
N GLU B 165 11.15 1.71 -20.42
CA GLU B 165 12.27 2.54 -19.96
C GLU B 165 13.43 1.69 -19.44
N LEU B 166 13.19 0.48 -18.91
CA LEU B 166 14.27 -0.38 -18.37
C LEU B 166 14.76 -1.35 -19.46
N GLY B 167 14.19 -1.30 -20.65
CA GLY B 167 14.60 -2.16 -21.78
C GLY B 167 14.07 -3.58 -21.65
N TYR B 168 12.93 -3.76 -20.99
CA TYR B 168 12.27 -5.08 -20.91
C TYR B 168 11.00 -5.02 -21.76
N GLN B 169 10.93 -5.98 -22.69
CA GLN B 169 9.83 -6.12 -23.68
C GLN B 169 8.54 -6.39 -22.91
N GLY B 170 8.63 -7.13 -21.79
CA GLY B 170 7.45 -7.51 -20.99
C GLY B 170 6.65 -8.57 -21.69
O2B HNN C . 10.75 7.61 -3.08
CGB HNN C . 10.35 7.97 -4.22
O1B HNN C . 11.10 8.18 -5.24
CBB HNN C . 8.85 8.05 -4.40
CAB HNN C . 7.97 9.00 -3.66
C2B HNN C . 7.89 8.66 -2.23
C3B HNN C . 7.30 7.51 -1.72
CMB HNN C . 6.61 6.39 -2.43
C1B HNN C . 8.29 9.43 -1.14
C4C HNN C . 8.99 10.63 -1.00
C3C HNN C . 9.39 11.59 -1.93
CAC HNN C . 9.31 11.60 -3.45
CBD HNN C . 7.88 12.07 -3.83
CGD HNN C . 7.34 11.69 -5.21
O2C HNN C . 8.06 11.53 -6.23
O1C HNN C . 6.09 11.57 -5.26
C2C HNN C . 9.97 12.59 -1.16
CMC HNN C . 10.62 13.84 -1.72
NC HNN C . 9.20 11.11 0.25
C1C HNN C . 9.88 12.22 0.18
CB2 HNN C . 10.41 13.01 1.28
CB1 HNN C . 10.50 12.84 2.61
C4D HNN C . 9.84 11.89 3.43
MN HNN C . 8.77 9.63 1.53
NA HNN C . 7.50 8.62 2.75
NB HNN C . 7.86 8.84 -0.05
C4B HNN C . 7.36 7.66 -0.38
CD1 HNN C . 6.88 6.91 0.58
CD2 HNN C . 6.41 6.63 1.72
C1A HNN C . 6.85 7.46 2.86
ND HNN C . 9.08 10.88 3.07
C1D HNN C . 8.59 10.25 4.18
C2D HNN C . 8.93 11.01 5.28
C7D HNN C . 8.64 10.92 6.74
C3D HNN C . 9.70 12.08 4.80
C5D HNN C . 10.38 13.15 5.67
C6D HNN C . 9.50 14.25 6.14
C4A HNN C . 7.77 9.08 4.01
C3A HNN C . 7.12 8.31 4.93
C7A HNN C . 6.99 8.39 6.44
C2A HNN C . 6.56 7.27 4.22
C5A HNN C . 5.66 6.21 4.81
C6A HNN C . 6.34 4.90 4.96
S SO4 D . 8.35 -12.90 6.51
O1 SO4 D . 8.65 -11.67 7.21
O2 SO4 D . 7.61 -13.80 7.36
O3 SO4 D . 7.60 -12.58 5.32
O4 SO4 D . 9.58 -13.57 6.13
S SO4 E . -14.62 7.80 14.56
O1 SO4 E . -13.74 7.73 15.71
O2 SO4 E . -15.58 8.84 14.75
O3 SO4 E . -13.91 8.06 13.34
O4 SO4 E . -15.29 6.52 14.47
S SO4 F . -1.08 -14.33 17.84
O1 SO4 F . -1.46 -13.27 18.80
O2 SO4 F . -1.85 -15.51 18.10
O3 SO4 F . -1.32 -13.90 16.49
O4 SO4 F . 0.32 -14.64 17.97
S SO4 G . -3.92 -9.33 23.14
O1 SO4 G . -5.18 -8.63 23.01
O2 SO4 G . -3.84 -9.93 24.45
O3 SO4 G . -3.85 -10.37 22.14
O4 SO4 G . -2.82 -8.41 23.00
S SO4 H . 7.24 -12.94 16.28
O1 SO4 H . 5.93 -12.90 16.85
O2 SO4 H . 8.09 -13.74 17.13
O3 SO4 H . 7.80 -11.62 16.19
O4 SO4 H . 7.22 -13.52 14.96
S SO4 I . -4.35 19.97 16.44
O1 SO4 I . -3.52 20.79 17.28
O2 SO4 I . -5.21 19.12 17.25
O3 SO4 I . -5.18 20.82 15.63
O4 SO4 I . -3.53 19.14 15.59
CL CL J . -9.19 1.79 22.14
O2B HNN K . 11.58 -7.66 -3.37
CGB HNN K . 10.90 -8.40 -4.16
O1B HNN K . 11.57 -9.25 -4.80
CBB HNN K . 9.36 -8.29 -4.37
CAB HNN K . 8.28 -8.85 -3.35
C2B HNN K . 7.10 -8.60 -4.23
C3B HNN K . 6.30 -7.44 -4.17
CMB HNN K . 6.40 -6.27 -3.21
C1B HNN K . 6.60 -9.33 -5.31
C4C HNN K . 6.96 -10.56 -5.89
C3C HNN K . 7.91 -11.50 -5.56
CAC HNN K . 8.93 -11.57 -4.47
CBD HNN K . 8.15 -12.07 -3.23
CGD HNN K . 8.88 -11.82 -1.92
O2C HNN K . 10.10 -11.57 -1.87
O1C HNN K . 8.20 -11.85 -0.90
C2C HNN K . 7.79 -12.51 -6.52
CMC HNN K . 8.62 -13.78 -6.59
NC HNN K . 6.22 -11.02 -6.95
C1C HNN K . 6.77 -12.15 -7.38
CB2 HNN K . 6.36 -12.96 -8.51
CB1 HNN K . 5.49 -12.75 -9.48
C4D HNN K . 4.43 -11.83 -9.62
MN HNN K . 5.01 -9.57 -7.56
NA HNN K . 3.24 -8.57 -7.52
NB HNN K . 5.49 -8.74 -5.76
C4B HNN K . 5.41 -7.56 -5.21
CD1 HNN K . 4.41 -6.83 -5.57
CD2 HNN K . 3.26 -6.57 -6.05
C1A HNN K . 2.73 -7.40 -7.15
ND HNN K . 4.14 -10.82 -8.85
C1D HNN K . 3.04 -10.20 -9.26
C2D HNN K . 2.48 -10.97 -10.30
C7D HNN K . 1.22 -10.82 -11.11
C3D HNN K . 3.37 -12.02 -10.51
C5D HNN K . 3.24 -13.13 -11.58
C6D HNN K . 2.48 -14.32 -11.08
C4A HNN K . 2.57 -9.03 -8.60
C3A HNN K . 1.45 -8.24 -8.80
C7A HNN K . 0.26 -8.35 -9.72
C2A HNN K . 1.53 -7.23 -7.86
C5A HNN K . 0.48 -6.18 -7.67
C6A HNN K . 0.93 -4.85 -8.23
S SO4 L . -20.67 -7.34 -0.88
O1 SO4 L . -19.66 -8.22 -0.31
O2 SO4 L . -21.17 -6.49 0.17
O3 SO4 L . -20.09 -6.46 -1.87
O4 SO4 L . -21.69 -8.15 -1.42
S SO4 M . -16.36 -11.52 1.96
O1 SO4 M . -15.17 -11.65 2.78
O2 SO4 M . -17.48 -12.06 2.66
O3 SO4 M . -16.18 -12.23 0.72
O4 SO4 M . -16.58 -10.12 1.69
S SO4 N . 2.11 11.06 -10.33
O1 SO4 N . 2.54 10.52 -9.07
O2 SO4 N . 1.16 12.15 -10.11
O3 SO4 N . 3.25 11.57 -11.04
O4 SO4 N . 1.51 10.02 -11.12
S SO4 O . -6.59 12.73 -17.03
O1 SO4 O . -7.85 12.53 -16.37
O2 SO4 O . -5.63 13.34 -16.14
O3 SO4 O . -6.79 13.59 -18.16
O4 SO4 O . -6.06 11.49 -17.50
S SO4 P . -6.89 -30.34 -7.65
O1 SO4 P . -5.79 -31.28 -7.50
O2 SO4 P . -7.56 -30.18 -6.39
O3 SO4 P . -7.83 -30.87 -8.60
O4 SO4 P . -6.39 -29.08 -8.14
S SO4 Q . -21.55 -1.62 2.38
O1 SO4 Q . -20.67 -0.59 2.91
O2 SO4 Q . -21.58 -2.76 3.27
O3 SO4 Q . -22.86 -1.05 2.24
O4 SO4 Q . -21.08 -2.06 1.08
S SO4 R . -13.89 13.88 -12.16
O1 SO4 R . -14.71 14.41 -11.08
O2 SO4 R . -12.52 13.76 -11.69
O3 SO4 R . -14.44 12.61 -12.59
O4 SO4 R . -13.90 14.75 -13.33
#